data_8XII
#
_entry.id   8XII
#
_cell.length_a   77.011
_cell.length_b   83.890
_cell.length_c   62.307
_cell.angle_alpha   90.00
_cell.angle_beta   100.16
_cell.angle_gamma   90.00
#
_symmetry.space_group_name_H-M   'C 1 2 1'
#
loop_
_entity.id
_entity.type
_entity.pdbx_description
1 polymer '4-hydroxyphenylpyruvate dioxygenase'
2 non-polymer 'COBALT (II) ION'
3 non-polymer 1,6-dimethyl-7-(2-oxidanyl-6-oxidanylidene-cyclohexen-1-yl)carbonyl-4-prop-2-enyl-3~{H}-1,4-benzodiazepine-2,5-dione
4 water water
#
_entity_poly.entity_id   1
_entity_poly.type   'polypeptide(L)'
_entity_poly.pdbx_seq_one_letter_code
;GSHMVRKNPKSDKFKVKRFHHIEFWCGDATNVARRFSWGLGMRFSAKSDLSTGNMVHASYLLTSGDLRFLFTAPYSPSLS
AGEIKPTTTASIPSFDHGSCRSFFSSHGLGVRAVAIEVEDAESAFSISVANGAIPSSPPIVLNEAVTIAEVKLYGDVVLR
YVSYKAEDTEKSEFLPGFERVEDASSFPLDYGIRRLDHAVGNVPELGPALTYVAGFTGFHQFAEFTADDVGTAESGLNSA
VLASNDEMVLLPINEPVHGTKRKSQIQTYLEHNEGAGLQHLALMSEDIFRTLREMRKRSSIGGFDFMPSPPPTYYQNLKK
RVGDVLSDDQIKECEELGILVDRDDQGTLLQIFTKPLGDRPTIFIEIIQRVGCMMKDEEGKAYQSGGCGGFGKGNFSELF
KSIEEYEKTLEAKQLVG
;
_entity_poly.pdbx_strand_id   A
#
loop_
_chem_comp.id
_chem_comp.type
_chem_comp.name
_chem_comp.formula
A1LVP non-polymer 1,6-dimethyl-7-(2-oxidanyl-6-oxidanylidene-cyclohexen-1-yl)carbonyl-4-prop-2-enyl-3~{H}-1,4-benzodiazepine-2,5-dione 'C21 H22 N2 O5'
CO non-polymer 'COBALT (II) ION' 'Co 2'
#
# COMPACT_ATOMS: atom_id res chain seq x y z
N LYS A 7 9.93 22.24 -4.79
CA LYS A 7 10.74 22.49 -3.61
C LYS A 7 10.74 21.28 -2.68
N ASN A 8 11.93 20.92 -2.20
CA ASN A 8 12.12 19.79 -1.29
C ASN A 8 13.00 20.26 -0.15
N PRO A 9 12.40 20.65 0.98
CA PRO A 9 13.21 21.14 2.11
C PRO A 9 14.02 20.08 2.82
N LYS A 10 13.80 18.79 2.50
CA LYS A 10 14.50 17.67 3.13
C LYS A 10 14.45 17.78 4.66
N SER A 11 13.23 17.81 5.18
CA SER A 11 12.99 18.10 6.59
C SER A 11 12.69 16.86 7.44
N ASP A 12 12.98 15.66 6.94
CA ASP A 12 12.75 14.45 7.75
C ASP A 12 13.41 14.58 9.11
N LYS A 13 12.67 14.24 10.16
CA LYS A 13 13.19 14.38 11.51
C LYS A 13 14.01 13.17 11.92
N PHE A 14 14.07 12.13 11.08
CA PHE A 14 14.90 10.95 11.32
C PHE A 14 15.17 10.28 9.99
N LYS A 15 16.20 9.44 9.96
CA LYS A 15 16.66 8.85 8.70
C LYS A 15 15.70 7.77 8.26
N VAL A 16 15.07 7.96 7.10
CA VAL A 16 14.10 7.04 6.52
C VAL A 16 14.73 6.41 5.28
N LYS A 17 14.55 5.09 5.13
CA LYS A 17 15.12 4.41 3.98
C LYS A 17 14.04 4.14 2.92
N ARG A 18 13.37 3.00 2.99
CA ARG A 18 12.36 2.67 1.99
C ARG A 18 11.16 2.05 2.66
N PHE A 19 10.05 1.98 1.93
CA PHE A 19 8.97 1.10 2.37
C PHE A 19 9.52 -0.29 2.60
N HIS A 20 9.10 -0.91 3.70
CA HIS A 20 9.59 -2.23 4.09
C HIS A 20 8.54 -3.30 3.88
N HIS A 21 7.35 -3.15 4.47
CA HIS A 21 6.29 -4.12 4.22
C HIS A 21 4.94 -3.47 4.50
N ILE A 22 3.89 -4.18 4.07
CA ILE A 22 2.51 -3.81 4.37
C ILE A 22 1.90 -5.00 5.07
N GLU A 23 1.24 -4.77 6.22
CA GLU A 23 0.60 -5.87 6.95
C GLU A 23 -0.92 -5.74 6.90
N PHE A 24 -1.57 -6.79 6.39
CA PHE A 24 -3.01 -6.93 6.40
C PHE A 24 -3.44 -7.67 7.66
N TRP A 25 -4.46 -7.15 8.32
CA TRP A 25 -5.10 -7.90 9.40
C TRP A 25 -6.33 -8.61 8.84
N CYS A 26 -6.40 -9.91 9.11
CA CYS A 26 -7.30 -10.83 8.43
C CYS A 26 -8.08 -11.62 9.45
N GLY A 27 -9.16 -12.24 8.99
CA GLY A 27 -9.81 -13.25 9.78
C GLY A 27 -9.12 -14.59 9.63
N ASP A 28 -8.78 -14.95 8.40
CA ASP A 28 -8.03 -16.16 8.09
C ASP A 28 -6.89 -15.77 7.18
N ALA A 29 -5.66 -15.80 7.71
CA ALA A 29 -4.51 -15.33 6.95
C ALA A 29 -4.20 -16.25 5.78
N THR A 30 -4.40 -17.56 5.97
CA THR A 30 -4.08 -18.55 4.95
C THR A 30 -4.84 -18.27 3.65
N ASN A 31 -6.16 -18.08 3.75
CA ASN A 31 -6.95 -17.95 2.54
C ASN A 31 -6.69 -16.62 1.85
N VAL A 32 -6.51 -15.53 2.61
CA VAL A 32 -6.20 -14.26 1.97
C VAL A 32 -4.83 -14.33 1.30
N ALA A 33 -3.83 -14.87 2.01
CA ALA A 33 -2.49 -14.94 1.44
C ALA A 33 -2.47 -15.80 0.17
N ARG A 34 -3.17 -16.93 0.18
CA ARG A 34 -3.15 -17.77 -1.02
C ARG A 34 -3.84 -17.08 -2.19
N ARG A 35 -4.95 -16.38 -1.93
CA ARG A 35 -5.63 -15.63 -2.98
C ARG A 35 -4.72 -14.56 -3.54
N PHE A 36 -4.11 -13.76 -2.66
CA PHE A 36 -3.23 -12.69 -3.11
C PHE A 36 -2.02 -13.22 -3.86
N SER A 37 -1.47 -14.35 -3.41
CA SER A 37 -0.29 -14.93 -4.07
C SER A 37 -0.59 -15.23 -5.53
N TRP A 38 -1.71 -15.90 -5.79
CA TRP A 38 -2.08 -16.25 -7.14
C TRP A 38 -2.49 -15.02 -7.95
N GLY A 39 -3.22 -14.10 -7.32
CA GLY A 39 -3.72 -12.94 -8.04
C GLY A 39 -2.65 -11.95 -8.46
N LEU A 40 -1.62 -11.76 -7.64
CA LEU A 40 -0.59 -10.76 -7.86
C LEU A 40 0.75 -11.36 -8.27
N GLY A 41 0.90 -12.68 -8.23
CA GLY A 41 2.15 -13.30 -8.59
C GLY A 41 3.22 -13.06 -7.55
N MET A 42 2.89 -13.29 -6.29
CA MET A 42 3.84 -13.13 -5.20
C MET A 42 4.14 -14.48 -4.59
N ARG A 43 5.39 -14.72 -4.25
CA ARG A 43 5.76 -16.03 -3.72
C ARG A 43 5.69 -16.01 -2.20
N PHE A 44 5.31 -17.17 -1.65
CA PHE A 44 5.37 -17.38 -0.21
C PHE A 44 6.83 -17.45 0.23
N SER A 45 7.23 -16.50 1.09
CA SER A 45 8.64 -16.36 1.46
C SER A 45 8.94 -16.69 2.91
N ALA A 46 8.01 -16.44 3.84
CA ALA A 46 8.30 -16.65 5.25
C ALA A 46 7.00 -16.88 6.01
N LYS A 47 7.11 -17.51 7.17
CA LYS A 47 5.95 -17.79 8.00
C LYS A 47 6.29 -17.70 9.48
N SER A 48 5.27 -17.38 10.26
CA SER A 48 5.35 -17.46 11.71
C SER A 48 3.97 -17.93 12.14
N ASP A 49 3.89 -19.12 12.73
CA ASP A 49 2.58 -19.72 13.00
C ASP A 49 2.81 -20.90 13.95
N LEU A 50 1.79 -21.75 14.11
CA LEU A 50 1.92 -22.86 15.05
C LEU A 50 3.14 -23.72 14.74
N SER A 51 3.44 -23.90 13.45
CA SER A 51 4.56 -24.77 13.06
C SER A 51 5.91 -24.16 13.40
N THR A 52 5.98 -22.87 13.68
CA THR A 52 7.22 -22.23 14.13
C THR A 52 7.19 -21.90 15.61
N GLY A 53 6.20 -22.40 16.36
CA GLY A 53 6.10 -22.16 17.79
C GLY A 53 5.28 -20.95 18.20
N ASN A 54 4.65 -20.26 17.25
CA ASN A 54 3.86 -19.06 17.55
C ASN A 54 2.45 -19.50 17.90
N MET A 55 2.06 -19.37 19.17
CA MET A 55 0.74 -19.78 19.63
C MET A 55 -0.25 -18.63 19.64
N VAL A 56 0.16 -17.46 19.16
CA VAL A 56 -0.60 -16.24 19.27
C VAL A 56 -1.26 -15.85 17.95
N HIS A 57 -0.47 -15.76 16.88
CA HIS A 57 -0.97 -15.30 15.59
C HIS A 57 -0.34 -16.11 14.47
N ALA A 58 -1.08 -16.23 13.36
CA ALA A 58 -0.59 -16.81 12.12
C ALA A 58 -0.21 -15.66 11.19
N SER A 59 1.03 -15.64 10.72
CA SER A 59 1.51 -14.59 9.84
C SER A 59 2.24 -15.19 8.65
N TYR A 60 1.85 -14.79 7.44
CA TYR A 60 2.44 -15.32 6.22
C TYR A 60 2.93 -14.17 5.37
N LEU A 61 4.17 -14.26 4.90
CA LEU A 61 4.80 -13.22 4.11
C LEU A 61 4.86 -13.63 2.65
N LEU A 62 4.34 -12.76 1.78
CA LEU A 62 4.48 -12.87 0.33
C LEU A 62 5.45 -11.82 -0.19
N THR A 63 6.25 -12.18 -1.20
CA THR A 63 7.20 -11.22 -1.75
C THR A 63 7.14 -11.22 -3.27
N SER A 64 7.38 -10.05 -3.85
CA SER A 64 7.63 -9.96 -5.29
C SER A 64 8.63 -8.85 -5.45
N GLY A 65 9.86 -9.20 -5.85
CA GLY A 65 10.92 -8.20 -5.82
C GLY A 65 11.10 -7.69 -4.41
N ASP A 66 11.04 -6.37 -4.25
CA ASP A 66 11.18 -5.75 -2.94
C ASP A 66 9.85 -5.55 -2.24
N LEU A 67 8.74 -5.90 -2.88
CA LEU A 67 7.42 -5.76 -2.28
C LEU A 67 7.19 -6.88 -1.26
N ARG A 68 6.77 -6.52 -0.05
CA ARG A 68 6.50 -7.48 1.00
C ARG A 68 5.10 -7.26 1.52
N PHE A 69 4.24 -8.27 1.35
CA PHE A 69 2.89 -8.28 1.91
C PHE A 69 2.83 -9.31 3.04
N LEU A 70 2.44 -8.87 4.23
CA LEU A 70 2.28 -9.75 5.38
C LEU A 70 0.80 -9.89 5.71
N PHE A 71 0.35 -11.12 5.95
CA PHE A 71 -1.05 -11.43 6.27
C PHE A 71 -1.09 -12.07 7.64
N THR A 72 -1.83 -11.46 8.58
CA THR A 72 -1.83 -11.92 9.96
C THR A 72 -3.26 -12.06 10.46
N ALA A 73 -3.49 -13.15 11.21
CA ALA A 73 -4.77 -13.43 11.85
C ALA A 73 -4.52 -14.00 13.24
N PRO A 74 -5.42 -13.77 14.18
CA PRO A 74 -5.25 -14.32 15.53
C PRO A 74 -5.74 -15.75 15.65
N TYR A 75 -5.02 -16.54 16.46
CA TYR A 75 -5.51 -17.84 16.90
C TYR A 75 -6.49 -17.65 18.05
N SER A 76 -7.07 -18.75 18.51
CA SER A 76 -7.82 -18.70 19.77
C SER A 76 -6.91 -18.19 20.89
N PRO A 77 -7.35 -17.20 21.67
CA PRO A 77 -6.53 -16.77 22.82
C PRO A 77 -6.24 -17.89 23.79
N SER A 78 -7.06 -18.94 23.82
CA SER A 78 -6.82 -20.04 24.74
C SER A 78 -5.45 -20.69 24.53
N LEU A 79 -4.93 -20.68 23.29
CA LEU A 79 -3.65 -21.34 23.03
C LEU A 79 -2.50 -20.66 23.77
N SER A 80 -2.65 -19.39 24.08
CA SER A 80 -1.58 -18.59 24.69
C SER A 80 -2.03 -17.98 26.01
N ALA A 81 -3.06 -18.54 26.64
CA ALA A 81 -3.65 -17.92 27.81
C ALA A 81 -2.69 -17.85 28.99
N GLY A 82 -1.73 -18.76 29.04
CA GLY A 82 -0.76 -18.72 30.12
C GLY A 82 0.43 -17.83 29.87
N GLU A 83 0.54 -17.27 28.67
CA GLU A 83 1.66 -16.38 28.36
C GLU A 83 1.43 -14.99 28.95
N ILE A 84 2.55 -14.31 29.22
CA ILE A 84 2.56 -12.87 29.45
C ILE A 84 3.54 -12.27 28.43
N LYS A 85 3.56 -10.95 28.34
CA LYS A 85 4.42 -10.35 27.33
C LYS A 85 5.87 -10.78 27.50
N PRO A 86 6.44 -10.86 28.72
CA PRO A 86 7.80 -11.42 28.86
C PRO A 86 7.97 -12.84 28.37
N THR A 87 6.91 -13.65 28.28
CA THR A 87 7.03 -15.04 27.83
C THR A 87 6.29 -15.29 26.52
N THR A 88 6.03 -14.24 25.74
CA THR A 88 5.17 -14.39 24.56
C THR A 88 5.84 -15.25 23.50
N THR A 89 5.02 -15.99 22.76
CA THR A 89 5.48 -16.68 21.57
C THR A 89 5.12 -15.94 20.29
N ALA A 90 4.48 -14.78 20.39
CA ALA A 90 4.26 -13.94 19.21
C ALA A 90 5.59 -13.47 18.65
N SER A 91 5.69 -13.50 17.32
CA SER A 91 6.85 -12.95 16.65
C SER A 91 6.72 -11.45 16.39
N ILE A 92 5.51 -10.93 16.40
CA ILE A 92 5.30 -9.49 16.26
C ILE A 92 4.78 -8.97 17.60
N PRO A 93 5.65 -8.36 18.42
CA PRO A 93 5.25 -8.07 19.82
C PRO A 93 4.12 -7.08 19.95
N SER A 94 3.87 -6.23 18.94
CA SER A 94 2.75 -5.32 18.96
C SER A 94 1.40 -6.00 18.75
N PHE A 95 1.38 -7.25 18.32
CA PHE A 95 0.11 -7.91 18.06
C PHE A 95 -0.70 -8.07 19.34
N ASP A 96 -2.02 -7.91 19.20
CA ASP A 96 -2.94 -8.10 20.30
C ASP A 96 -4.23 -8.71 19.75
N HIS A 97 -4.68 -9.83 20.33
CA HIS A 97 -5.88 -10.50 19.85
C HIS A 97 -7.07 -9.54 19.78
N GLY A 98 -7.34 -8.85 20.88
CA GLY A 98 -8.50 -7.96 20.91
C GLY A 98 -8.41 -6.85 19.88
N SER A 99 -7.23 -6.23 19.76
CA SER A 99 -7.04 -5.18 18.77
C SER A 99 -7.30 -5.71 17.37
N CYS A 100 -6.78 -6.90 17.07
CA CYS A 100 -6.92 -7.44 15.73
C CYS A 100 -8.37 -7.80 15.43
N ARG A 101 -9.05 -8.46 16.38
CA ARG A 101 -10.45 -8.77 16.16
C ARG A 101 -11.31 -7.52 16.05
N SER A 102 -11.04 -6.51 16.89
CA SER A 102 -11.78 -5.26 16.82
C SER A 102 -11.55 -4.54 15.50
N PHE A 103 -10.29 -4.49 15.06
CA PHE A 103 -9.96 -3.90 13.76
C PHE A 103 -10.75 -4.58 12.65
N PHE A 104 -10.73 -5.91 12.63
CA PHE A 104 -11.35 -6.60 11.51
C PHE A 104 -12.87 -6.50 11.58
N SER A 105 -13.45 -6.57 12.76
CA SER A 105 -14.90 -6.41 12.88
C SER A 105 -15.32 -5.02 12.42
N SER A 106 -14.55 -3.99 12.78
CA SER A 106 -14.91 -2.62 12.44
C SER A 106 -14.72 -2.36 10.95
N HIS A 107 -13.56 -2.73 10.41
CA HIS A 107 -13.15 -2.27 9.09
C HIS A 107 -13.21 -3.32 8.00
N GLY A 108 -13.30 -4.60 8.35
CA GLY A 108 -13.13 -5.67 7.40
C GLY A 108 -11.66 -5.80 7.02
N LEU A 109 -11.41 -6.66 6.03
CA LEU A 109 -10.03 -6.94 5.57
C LEU A 109 -9.35 -5.66 5.10
N GLY A 110 -8.16 -5.39 5.63
CA GLY A 110 -7.48 -4.17 5.24
C GLY A 110 -6.11 -4.08 5.87
N VAL A 111 -5.46 -2.94 5.60
CA VAL A 111 -4.10 -2.71 6.06
C VAL A 111 -4.11 -2.15 7.47
N ARG A 112 -3.44 -2.87 8.37
CA ARG A 112 -3.16 -2.41 9.73
C ARG A 112 -1.87 -1.61 9.80
N ALA A 113 -0.80 -2.06 9.12
CA ALA A 113 0.50 -1.41 9.27
C ALA A 113 1.11 -1.07 7.92
N VAL A 114 1.55 0.18 7.80
CA VAL A 114 2.44 0.65 6.74
C VAL A 114 3.82 0.72 7.36
N ALA A 115 4.73 -0.15 6.93
CA ALA A 115 6.02 -0.27 7.59
C ALA A 115 7.11 0.33 6.71
N ILE A 116 7.91 1.22 7.30
CA ILE A 116 9.05 1.81 6.63
C ILE A 116 10.30 1.39 7.39
N GLU A 117 11.39 1.14 6.65
CA GLU A 117 12.67 0.88 7.27
C GLU A 117 13.36 2.20 7.55
N VAL A 118 13.90 2.31 8.76
CA VAL A 118 14.59 3.52 9.21
C VAL A 118 15.96 3.11 9.75
N GLU A 119 16.78 4.12 10.04
CA GLU A 119 18.11 3.83 10.58
C GLU A 119 18.02 3.26 11.99
N ASP A 120 17.10 3.77 12.80
CA ASP A 120 17.04 3.45 14.22
C ASP A 120 15.58 3.62 14.63
N ALA A 121 14.88 2.48 14.77
CA ALA A 121 13.46 2.51 15.09
C ALA A 121 13.20 3.10 16.47
N GLU A 122 14.11 2.93 17.42
CA GLU A 122 13.91 3.56 18.72
C GLU A 122 13.98 5.08 18.62
N SER A 123 14.97 5.61 17.91
CA SER A 123 15.05 7.06 17.76
C SER A 123 13.89 7.59 16.93
N ALA A 124 13.50 6.88 15.87
CA ALA A 124 12.35 7.33 15.08
C ALA A 124 11.10 7.42 15.95
N PHE A 125 10.89 6.43 16.82
CA PHE A 125 9.73 6.44 17.70
C PHE A 125 9.79 7.61 18.67
N SER A 126 10.94 7.78 19.32
CA SER A 126 11.10 8.85 20.31
C SER A 126 10.90 10.22 19.69
N ILE A 127 11.57 10.47 18.56
CA ILE A 127 11.43 11.75 17.87
C ILE A 127 9.98 11.94 17.40
N SER A 128 9.37 10.88 16.86
CA SER A 128 7.98 11.01 16.42
C SER A 128 7.06 11.44 17.57
N VAL A 129 7.16 10.74 18.70
CA VAL A 129 6.26 11.03 19.81
C VAL A 129 6.56 12.40 20.41
N ALA A 130 7.85 12.76 20.47
CA ALA A 130 8.22 14.10 20.90
C ALA A 130 7.65 15.18 20.00
N ASN A 131 7.32 14.85 18.75
CA ASN A 131 6.76 15.78 17.81
C ASN A 131 5.29 15.49 17.49
N GLY A 132 4.58 14.85 18.41
CA GLY A 132 3.13 14.78 18.35
C GLY A 132 2.55 13.44 17.95
N ALA A 133 3.38 12.47 17.55
CA ALA A 133 2.84 11.17 17.17
C ALA A 133 2.19 10.49 18.36
N ILE A 134 1.03 9.88 18.12
CA ILE A 134 0.34 9.10 19.14
C ILE A 134 0.98 7.73 19.17
N PRO A 135 1.62 7.35 20.28
CA PRO A 135 2.27 6.04 20.34
C PRO A 135 1.26 4.91 20.22
N SER A 136 1.67 3.86 19.51
CA SER A 136 0.84 2.67 19.40
C SER A 136 1.50 1.44 19.99
N SER A 137 2.79 1.24 19.71
CA SER A 137 3.56 0.16 20.30
C SER A 137 5.00 0.63 20.49
N PRO A 138 5.56 0.50 21.68
CA PRO A 138 6.88 1.05 21.95
C PRO A 138 7.97 0.23 21.28
N PRO A 139 9.17 0.78 21.16
CA PRO A 139 10.26 0.04 20.51
C PRO A 139 10.57 -1.23 21.27
N ILE A 140 10.64 -2.33 20.54
CA ILE A 140 10.99 -3.62 21.10
C ILE A 140 12.10 -4.21 20.24
N VAL A 141 13.16 -4.67 20.89
CA VAL A 141 14.30 -5.27 20.20
C VAL A 141 14.09 -6.77 20.11
N LEU A 142 14.07 -7.29 18.88
CA LEU A 142 13.85 -8.71 18.63
C LEU A 142 15.18 -9.41 18.41
N ASN A 143 15.51 -10.35 19.29
CA ASN A 143 16.71 -11.19 19.19
C ASN A 143 17.97 -10.35 18.96
N GLU A 144 18.02 -9.19 19.61
CA GLU A 144 19.15 -8.26 19.52
C GLU A 144 19.50 -7.93 18.07
N ALA A 145 18.53 -8.01 17.18
CA ALA A 145 18.84 -7.89 15.76
C ALA A 145 17.97 -6.88 15.03
N VAL A 146 16.68 -6.78 15.39
CA VAL A 146 15.74 -5.92 14.70
C VAL A 146 14.94 -5.16 15.74
N THR A 147 14.72 -3.87 15.50
CA THR A 147 13.88 -3.08 16.38
C THR A 147 12.62 -2.66 15.65
N ILE A 148 11.48 -2.77 16.33
CA ILE A 148 10.18 -2.45 15.74
C ILE A 148 9.43 -1.54 16.70
N ALA A 149 8.76 -0.52 16.15
CA ALA A 149 7.96 0.43 16.93
C ALA A 149 6.83 0.91 16.04
N GLU A 150 5.74 1.37 16.66
CA GLU A 150 4.56 1.78 15.92
C GLU A 150 3.92 3.03 16.51
N VAL A 151 3.51 3.96 15.63
CA VAL A 151 2.73 5.12 16.01
C VAL A 151 1.48 5.18 15.13
N LYS A 152 0.47 5.91 15.59
CA LYS A 152 -0.76 6.00 14.80
C LYS A 152 -0.53 6.86 13.56
N LEU A 153 -1.04 6.36 12.42
CA LEU A 153 -0.97 7.10 11.16
C LEU A 153 -2.28 7.81 10.87
N TYR A 154 -3.36 7.05 10.67
CA TYR A 154 -4.72 7.57 10.56
C TYR A 154 -5.66 6.40 10.81
N GLY A 155 -6.87 6.72 11.29
CA GLY A 155 -7.80 5.65 11.65
C GLY A 155 -7.15 4.67 12.61
N ASP A 156 -7.26 3.38 12.28
CA ASP A 156 -6.58 2.34 13.03
C ASP A 156 -5.39 1.79 12.26
N VAL A 157 -4.86 2.56 11.33
CA VAL A 157 -3.65 2.22 10.60
C VAL A 157 -2.46 2.78 11.37
N VAL A 158 -1.42 1.98 11.53
CA VAL A 158 -0.19 2.43 12.18
C VAL A 158 0.92 2.60 11.16
N LEU A 159 1.83 3.54 11.45
CA LEU A 159 3.10 3.64 10.76
C LEU A 159 4.10 2.86 11.60
N ARG A 160 4.67 1.82 11.02
CA ARG A 160 5.56 0.91 11.72
C ARG A 160 6.99 1.22 11.31
N TYR A 161 7.85 1.45 12.29
CA TYR A 161 9.27 1.66 12.06
C TYR A 161 10.01 0.35 12.29
N VAL A 162 10.88 -0.02 11.34
CA VAL A 162 11.70 -1.22 11.46
C VAL A 162 13.14 -0.81 11.18
N SER A 163 14.06 -1.24 12.05
CA SER A 163 15.48 -0.99 11.81
C SER A 163 16.27 -2.26 12.11
N TYR A 164 17.34 -2.45 11.35
CA TYR A 164 18.14 -3.66 11.40
C TYR A 164 19.57 -3.32 11.81
N LYS A 165 20.12 -4.08 12.75
CA LYS A 165 21.52 -3.91 13.11
C LYS A 165 22.42 -4.26 11.94
N ALA A 166 22.20 -5.42 11.32
CA ALA A 166 23.03 -5.83 10.19
C ALA A 166 22.35 -5.46 8.86
N GLU A 173 14.75 -14.13 7.44
CA GLU A 173 15.40 -12.85 7.19
C GLU A 173 14.48 -11.67 7.52
N PHE A 174 13.18 -11.90 7.39
CA PHE A 174 12.19 -10.84 7.55
C PHE A 174 12.23 -10.28 8.97
N LEU A 175 11.83 -11.09 9.94
CA LEU A 175 11.88 -10.75 11.35
C LEU A 175 12.33 -11.98 12.11
N PRO A 176 13.00 -11.82 13.25
CA PRO A 176 13.33 -12.99 14.06
C PRO A 176 12.07 -13.77 14.42
N GLY A 177 12.19 -15.09 14.45
CA GLY A 177 11.04 -15.92 14.70
C GLY A 177 10.26 -16.31 13.46
N PHE A 178 10.48 -15.62 12.33
CA PHE A 178 9.93 -16.08 11.07
C PHE A 178 10.86 -17.11 10.46
N GLU A 179 10.28 -18.09 9.79
CA GLU A 179 11.03 -19.14 9.11
C GLU A 179 10.84 -19.02 7.62
N ARG A 180 11.93 -19.22 6.88
CA ARG A 180 11.88 -19.32 5.43
C ARG A 180 11.00 -20.49 5.00
N VAL A 181 10.16 -20.27 3.98
CA VAL A 181 9.15 -21.28 3.65
C VAL A 181 9.77 -22.42 2.86
N GLU A 182 9.33 -23.65 3.17
CA GLU A 182 9.75 -24.83 2.42
C GLU A 182 9.53 -24.61 0.92
N ASP A 183 10.55 -24.95 0.13
CA ASP A 183 10.53 -24.61 -1.29
C ASP A 183 9.37 -25.24 -2.03
N ALA A 184 8.95 -26.44 -1.63
CA ALA A 184 7.79 -27.08 -2.26
C ALA A 184 6.55 -26.20 -2.12
N SER A 185 6.43 -25.50 -1.00
CA SER A 185 5.34 -24.56 -0.79
C SER A 185 5.62 -23.18 -1.34
N SER A 186 6.77 -22.98 -1.98
CA SER A 186 7.22 -21.66 -2.43
C SER A 186 7.37 -21.66 -3.95
N PHE A 187 6.25 -21.75 -4.64
CA PHE A 187 6.24 -21.69 -6.10
C PHE A 187 6.72 -20.33 -6.57
N PRO A 188 7.63 -20.26 -7.55
CA PRO A 188 8.26 -18.96 -7.88
C PRO A 188 7.42 -18.13 -8.86
N LEU A 189 6.21 -17.76 -8.43
CA LEU A 189 5.37 -16.88 -9.21
C LEU A 189 6.01 -15.50 -9.32
N ASP A 190 5.80 -14.85 -10.47
CA ASP A 190 6.33 -13.49 -10.65
C ASP A 190 5.64 -12.91 -11.87
N TYR A 191 4.79 -11.89 -11.66
CA TYR A 191 4.15 -11.19 -12.77
C TYR A 191 4.78 -9.84 -13.05
N GLY A 192 5.90 -9.53 -12.41
CA GLY A 192 6.64 -8.31 -12.70
C GLY A 192 6.54 -7.25 -11.62
N ILE A 193 5.79 -7.46 -10.55
CA ILE A 193 5.71 -6.43 -9.53
C ILE A 193 7.01 -6.40 -8.73
N ARG A 194 7.48 -5.19 -8.40
CA ARG A 194 8.81 -5.05 -7.82
C ARG A 194 8.88 -4.24 -6.52
N ARG A 195 7.98 -3.27 -6.30
CA ARG A 195 8.06 -2.52 -5.05
C ARG A 195 6.78 -1.73 -4.82
N LEU A 196 6.61 -1.28 -3.56
CA LEU A 196 5.54 -0.37 -3.21
C LEU A 196 5.92 1.04 -3.61
N ASP A 197 5.12 1.65 -4.47
CA ASP A 197 5.38 3.03 -4.89
C ASP A 197 4.76 4.04 -3.92
N HIS A 198 3.52 3.82 -3.50
CA HIS A 198 2.88 4.73 -2.56
C HIS A 198 1.71 4.03 -1.87
N ALA A 199 1.33 4.58 -0.72
CA ALA A 199 0.26 4.06 0.12
C ALA A 199 -0.61 5.23 0.53
N VAL A 200 -1.92 5.11 0.29
CA VAL A 200 -2.84 6.25 0.30
C VAL A 200 -3.90 6.05 1.37
N GLY A 201 -4.11 7.09 2.20
CA GLY A 201 -5.13 7.05 3.23
C GLY A 201 -6.34 7.91 2.87
N ASN A 202 -7.50 7.46 3.30
CA ASN A 202 -8.73 8.26 3.25
C ASN A 202 -9.07 8.74 4.65
N VAL A 203 -9.34 10.03 4.78
CA VAL A 203 -9.69 10.63 6.08
C VAL A 203 -10.88 11.56 5.87
N PRO A 204 -11.59 11.88 6.96
CA PRO A 204 -12.69 12.85 6.83
C PRO A 204 -12.20 14.27 6.61
N GLU A 205 -11.06 14.65 7.18
CA GLU A 205 -10.53 16.01 7.08
C GLU A 205 -9.04 15.97 6.74
N LEU A 206 -8.70 16.46 5.55
CA LEU A 206 -7.32 16.38 5.06
C LEU A 206 -6.37 17.25 5.88
N GLY A 207 -6.78 18.48 6.18
CA GLY A 207 -5.91 19.42 6.86
C GLY A 207 -5.32 18.89 8.15
N PRO A 208 -6.17 18.48 9.09
CA PRO A 208 -5.65 17.94 10.36
C PRO A 208 -4.82 16.69 10.18
N ALA A 209 -5.12 15.86 9.19
CA ALA A 209 -4.34 14.65 9.00
C ALA A 209 -2.95 14.97 8.47
N LEU A 210 -2.84 15.90 7.53
CA LEU A 210 -1.54 16.32 7.02
C LEU A 210 -0.70 16.97 8.12
N THR A 211 -1.32 17.87 8.88
CA THR A 211 -0.58 18.55 9.95
C THR A 211 -0.01 17.55 10.94
N TYR A 212 -0.82 16.55 11.33
CA TYR A 212 -0.37 15.54 12.27
C TYR A 212 0.82 14.75 11.73
N VAL A 213 0.67 14.16 10.52
CA VAL A 213 1.72 13.28 10.02
C VAL A 213 2.98 14.05 9.67
N ALA A 214 2.84 15.15 8.90
CA ALA A 214 4.01 15.98 8.62
C ALA A 214 4.63 16.48 9.91
N GLY A 215 3.79 16.72 10.93
CA GLY A 215 4.29 17.22 12.20
C GLY A 215 5.29 16.29 12.86
N PHE A 216 4.97 14.98 12.90
CA PHE A 216 5.86 14.07 13.62
C PHE A 216 6.93 13.43 12.74
N THR A 217 6.77 13.44 11.42
CA THR A 217 7.78 12.86 10.53
C THR A 217 8.75 13.89 9.98
N GLY A 218 8.30 15.12 9.80
CA GLY A 218 9.04 16.03 8.96
C GLY A 218 8.90 15.78 7.47
N PHE A 219 8.04 14.85 7.07
CA PHE A 219 7.78 14.68 5.64
C PHE A 219 7.25 15.99 5.05
N HIS A 220 7.66 16.27 3.82
CA HIS A 220 7.26 17.50 3.14
C HIS A 220 6.18 17.22 2.11
N GLN A 221 5.47 18.28 1.75
CA GLN A 221 4.47 18.16 0.70
C GLN A 221 5.15 17.99 -0.66
N PHE A 222 4.76 16.92 -1.36
CA PHE A 222 5.31 16.62 -2.67
C PHE A 222 4.62 17.47 -3.74
N ALA A 223 5.41 18.06 -4.63
CA ALA A 223 4.92 19.01 -5.62
C ALA A 223 3.98 18.32 -6.61
N GLU A 224 2.74 18.81 -6.68
CA GLU A 224 1.75 18.27 -7.62
C GLU A 224 1.77 19.06 -8.93
N GLU A 234 -14.52 18.91 -9.88
CA GLU A 234 -14.81 18.34 -8.58
C GLU A 234 -15.18 16.85 -8.71
N SER A 235 -14.15 16.00 -8.70
CA SER A 235 -14.34 14.55 -8.74
C SER A 235 -14.53 13.94 -7.36
N GLY A 236 -14.76 14.76 -6.35
CA GLY A 236 -15.13 14.26 -5.05
C GLY A 236 -14.01 14.14 -4.04
N LEU A 237 -12.82 14.65 -4.32
CA LEU A 237 -11.75 14.58 -3.34
C LEU A 237 -10.84 15.80 -3.43
N ASN A 238 -10.21 16.09 -2.30
CA ASN A 238 -8.98 16.87 -2.23
C ASN A 238 -7.89 15.95 -1.71
N SER A 239 -6.68 16.09 -2.23
CA SER A 239 -5.59 15.24 -1.77
C SER A 239 -4.31 16.05 -1.69
N ALA A 240 -3.37 15.52 -0.93
CA ALA A 240 -2.01 16.02 -0.88
C ALA A 240 -1.10 14.84 -0.56
N VAL A 241 0.18 14.98 -0.88
CA VAL A 241 1.12 13.88 -0.79
C VAL A 241 2.27 14.29 0.13
N LEU A 242 2.53 13.47 1.15
CA LEU A 242 3.70 13.65 2.02
C LEU A 242 4.82 12.73 1.56
N ALA A 243 6.06 13.23 1.62
CA ALA A 243 7.21 12.52 1.06
C ALA A 243 8.42 12.64 1.96
N SER A 244 9.22 11.57 2.01
CA SER A 244 10.50 11.58 2.71
C SER A 244 11.53 12.41 1.92
N ASN A 245 12.74 12.50 2.49
CA ASN A 245 13.78 13.38 1.94
C ASN A 245 14.11 13.05 0.49
N ASP A 246 14.29 11.77 0.16
CA ASP A 246 14.55 11.41 -1.23
C ASP A 246 13.28 11.08 -2.00
N GLU A 247 12.11 11.33 -1.39
CA GLU A 247 10.80 11.20 -2.02
C GLU A 247 10.53 9.78 -2.50
N MET A 248 11.14 8.80 -1.83
CA MET A 248 10.88 7.39 -2.08
C MET A 248 9.79 6.82 -1.19
N VAL A 249 9.56 7.40 -0.02
CA VAL A 249 8.39 7.09 0.79
C VAL A 249 7.35 8.15 0.48
N LEU A 250 6.21 7.72 -0.08
CA LEU A 250 5.18 8.61 -0.58
C LEU A 250 3.86 8.21 0.06
N LEU A 251 3.24 9.16 0.77
CA LEU A 251 2.02 8.91 1.52
C LEU A 251 0.98 9.95 1.14
N PRO A 252 0.25 9.73 0.04
CA PRO A 252 -0.92 10.58 -0.25
C PRO A 252 -2.03 10.38 0.76
N ILE A 253 -2.80 11.46 0.99
CA ILE A 253 -3.99 11.41 1.83
C ILE A 253 -5.11 12.15 1.10
N ASN A 254 -6.31 11.58 1.15
CA ASN A 254 -7.50 12.13 0.49
C ASN A 254 -8.57 12.47 1.52
N GLU A 255 -9.32 13.53 1.27
CA GLU A 255 -10.56 13.82 1.98
C GLU A 255 -11.70 13.92 0.98
N PRO A 256 -12.93 13.68 1.40
CA PRO A 256 -14.07 13.81 0.48
C PRO A 256 -14.37 15.27 0.18
N VAL A 257 -14.98 15.50 -0.97
CA VAL A 257 -15.63 16.78 -1.27
C VAL A 257 -17.13 16.52 -1.31
N HIS A 258 -17.88 17.20 -0.45
CA HIS A 258 -19.29 16.89 -0.25
C HIS A 258 -20.17 17.71 -1.18
N GLY A 259 -21.37 17.17 -1.44
CA GLY A 259 -22.36 17.82 -2.25
C GLY A 259 -22.01 17.96 -3.72
N THR A 260 -21.47 16.89 -4.32
CA THR A 260 -20.87 16.95 -5.65
C THR A 260 -21.78 16.43 -6.76
N LYS A 261 -22.98 15.93 -6.43
CA LYS A 261 -23.96 15.38 -7.36
C LYS A 261 -23.63 13.95 -7.76
N ARG A 262 -22.35 13.62 -7.87
CA ARG A 262 -21.87 12.25 -7.87
C ARG A 262 -21.21 12.02 -6.52
N LYS A 263 -21.73 11.07 -5.75
CA LYS A 263 -21.25 10.88 -4.38
C LYS A 263 -19.76 10.57 -4.37
N SER A 264 -19.03 11.25 -3.48
CA SER A 264 -17.59 11.05 -3.38
C SER A 264 -17.27 9.61 -3.03
N GLN A 265 -16.38 9.01 -3.82
CA GLN A 265 -15.88 7.68 -3.48
C GLN A 265 -15.10 7.67 -2.17
N ILE A 266 -14.53 8.82 -1.76
CA ILE A 266 -13.89 8.89 -0.45
C ILE A 266 -14.93 8.76 0.65
N GLN A 267 -16.10 9.40 0.47
CA GLN A 267 -17.14 9.31 1.48
C GLN A 267 -17.74 7.90 1.54
N THR A 268 -17.95 7.27 0.39
CA THR A 268 -18.39 5.88 0.38
C THR A 268 -17.41 5.01 1.15
N TYR A 269 -16.11 5.18 0.89
CA TYR A 269 -15.08 4.46 1.64
C TYR A 269 -15.27 4.65 3.13
N LEU A 270 -15.36 5.90 3.58
CA LEU A 270 -15.43 6.18 5.00
C LEU A 270 -16.66 5.54 5.62
N GLU A 271 -17.75 5.46 4.88
CA GLU A 271 -18.95 4.83 5.40
C GLU A 271 -18.77 3.32 5.55
N HIS A 272 -18.29 2.65 4.49
CA HIS A 272 -18.19 1.20 4.55
C HIS A 272 -17.02 0.74 5.39
N ASN A 273 -16.01 1.57 5.55
CA ASN A 273 -14.85 1.22 6.35
C ASN A 273 -15.02 1.53 7.84
N GLU A 274 -16.10 2.20 8.23
CA GLU A 274 -16.24 2.75 9.57
C GLU A 274 -15.08 3.71 9.89
N GLY A 275 -14.85 4.64 8.97
CA GLY A 275 -13.93 5.73 9.22
C GLY A 275 -12.65 5.64 8.40
N ALA A 276 -11.69 6.45 8.81
CA ALA A 276 -10.43 6.59 8.09
C ALA A 276 -9.70 5.26 7.99
N GLY A 277 -8.93 5.12 6.92
CA GLY A 277 -8.13 3.92 6.73
C GLY A 277 -7.38 4.00 5.43
N LEU A 278 -6.66 2.92 5.12
CA LEU A 278 -5.86 2.90 3.90
C LEU A 278 -6.76 2.64 2.69
N GLN A 279 -6.68 3.53 1.69
CA GLN A 279 -7.51 3.42 0.50
C GLN A 279 -6.87 2.52 -0.56
N HIS A 280 -5.61 2.78 -0.94
CA HIS A 280 -5.02 1.92 -1.94
C HIS A 280 -3.51 1.80 -1.75
N LEU A 281 -2.99 0.71 -2.27
CA LEU A 281 -1.56 0.45 -2.40
C LEU A 281 -1.22 0.50 -3.88
N ALA A 282 -0.22 1.29 -4.25
CA ALA A 282 0.22 1.35 -5.64
C ALA A 282 1.52 0.57 -5.77
N LEU A 283 1.49 -0.45 -6.62
CA LEU A 283 2.58 -1.41 -6.76
C LEU A 283 3.29 -1.14 -8.07
N MET A 284 4.58 -0.83 -8.02
CA MET A 284 5.35 -0.59 -9.22
C MET A 284 5.69 -1.92 -9.89
N SER A 285 5.46 -1.97 -11.20
CA SER A 285 5.85 -3.09 -12.03
C SER A 285 7.03 -2.69 -12.92
N GLU A 286 7.96 -3.64 -13.14
CA GLU A 286 9.01 -3.41 -14.13
C GLU A 286 8.53 -3.64 -15.55
N ASP A 287 7.29 -4.09 -15.73
CA ASP A 287 6.75 -4.34 -17.05
C ASP A 287 5.24 -4.40 -16.91
N ILE A 288 4.58 -3.24 -16.92
CA ILE A 288 3.17 -3.18 -16.58
C ILE A 288 2.33 -3.94 -17.60
N PHE A 289 2.82 -4.07 -18.84
CA PHE A 289 2.08 -4.85 -19.81
C PHE A 289 2.07 -6.33 -19.43
N ARG A 290 3.23 -6.89 -19.05
CA ARG A 290 3.24 -8.28 -18.60
C ARG A 290 2.42 -8.45 -17.34
N THR A 291 2.56 -7.51 -16.38
CA THR A 291 1.82 -7.66 -15.14
C THR A 291 0.32 -7.72 -15.39
N LEU A 292 -0.18 -6.86 -16.28
CA LEU A 292 -1.62 -6.82 -16.52
C LEU A 292 -2.08 -8.02 -17.35
N ARG A 293 -1.28 -8.45 -18.33
CA ARG A 293 -1.61 -9.70 -19.03
C ARG A 293 -1.79 -10.83 -18.01
N GLU A 294 -0.84 -10.94 -17.08
CA GLU A 294 -0.85 -12.07 -16.14
C GLU A 294 -1.99 -11.93 -15.14
N MET A 295 -2.23 -10.72 -14.66
CA MET A 295 -3.29 -10.55 -13.68
C MET A 295 -4.66 -10.73 -14.31
N ARG A 296 -4.86 -10.22 -15.54
CA ARG A 296 -6.17 -10.31 -16.16
C ARG A 296 -6.51 -11.74 -16.55
N LYS A 297 -5.50 -12.55 -16.90
CA LYS A 297 -5.73 -13.98 -17.16
C LYS A 297 -6.34 -14.66 -15.95
N ARG A 298 -6.05 -14.16 -14.76
CA ARG A 298 -6.44 -14.82 -13.53
C ARG A 298 -7.62 -14.17 -12.83
N SER A 299 -8.19 -13.09 -13.36
CA SER A 299 -9.24 -12.34 -12.66
C SER A 299 -10.41 -13.22 -12.26
N SER A 300 -10.85 -14.10 -13.15
CA SER A 300 -12.03 -14.92 -12.91
C SER A 300 -11.71 -16.32 -12.42
N ILE A 301 -10.43 -16.60 -12.14
CA ILE A 301 -10.03 -17.89 -11.59
C ILE A 301 -9.23 -17.69 -10.31
N GLY A 302 -9.73 -16.78 -9.46
CA GLY A 302 -9.22 -16.60 -8.12
C GLY A 302 -8.45 -15.32 -7.90
N GLY A 303 -8.16 -14.57 -8.96
CA GLY A 303 -7.33 -13.38 -8.89
C GLY A 303 -8.12 -12.12 -8.61
N PHE A 304 -7.65 -11.01 -9.17
CA PHE A 304 -8.26 -9.70 -8.94
C PHE A 304 -8.92 -9.19 -10.21
N ASP A 305 -10.03 -8.51 -10.04
CA ASP A 305 -10.73 -7.84 -11.13
C ASP A 305 -10.22 -6.42 -11.26
N PHE A 306 -10.42 -5.86 -12.45
CA PHE A 306 -10.02 -4.48 -12.70
C PHE A 306 -11.25 -3.61 -12.95
N MET A 307 -11.12 -2.31 -12.66
CA MET A 307 -12.19 -1.37 -12.92
C MET A 307 -12.51 -1.39 -14.41
N PRO A 308 -13.73 -1.01 -14.79
CA PRO A 308 -14.09 -1.00 -16.21
C PRO A 308 -13.17 -0.09 -17.00
N SER A 309 -12.75 -0.57 -18.17
CA SER A 309 -11.73 0.14 -18.93
C SER A 309 -12.30 1.42 -19.52
N PRO A 310 -11.42 2.36 -19.89
CA PRO A 310 -11.90 3.60 -20.51
C PRO A 310 -12.44 3.31 -21.91
N PRO A 311 -13.29 4.19 -22.43
CA PRO A 311 -13.79 4.03 -23.80
C PRO A 311 -12.67 4.22 -24.81
N PRO A 312 -12.83 3.75 -26.04
CA PRO A 312 -11.74 3.90 -27.03
C PRO A 312 -11.39 5.35 -27.33
N THR A 313 -12.32 6.29 -27.12
CA THR A 313 -11.99 7.70 -27.28
C THR A 313 -10.87 8.12 -26.35
N TYR A 314 -10.77 7.48 -25.18
CA TYR A 314 -9.65 7.77 -24.28
C TYR A 314 -8.33 7.43 -24.95
N TYR A 315 -8.27 6.31 -25.67
CA TYR A 315 -7.01 5.94 -26.32
C TYR A 315 -6.84 6.68 -27.63
N GLN A 316 -7.95 7.05 -28.30
CA GLN A 316 -7.87 7.94 -29.44
C GLN A 316 -7.35 9.32 -29.05
N ASN A 317 -7.41 9.68 -27.77
CA ASN A 317 -6.89 10.96 -27.30
C ASN A 317 -5.50 10.86 -26.71
N LEU A 318 -4.94 9.65 -26.57
CA LEU A 318 -3.60 9.51 -26.01
C LEU A 318 -2.53 9.98 -26.99
N LYS A 319 -2.81 9.95 -28.29
CA LYS A 319 -1.81 10.36 -29.26
C LYS A 319 -1.38 11.81 -29.02
N LYS A 320 -2.35 12.71 -28.84
CA LYS A 320 -2.02 14.10 -28.58
C LYS A 320 -1.36 14.29 -27.22
N ARG A 321 -1.65 13.42 -26.24
CA ARG A 321 -1.16 13.61 -24.89
C ARG A 321 0.24 13.03 -24.67
N VAL A 322 0.51 11.85 -25.20
CA VAL A 322 1.76 11.16 -24.89
C VAL A 322 2.37 10.53 -26.13
N GLY A 323 1.97 11.02 -27.31
CA GLY A 323 2.47 10.47 -28.57
C GLY A 323 3.98 10.56 -28.74
N ASP A 324 4.64 11.38 -27.94
CA ASP A 324 6.10 11.49 -27.95
C ASP A 324 6.76 10.58 -26.92
N VAL A 325 5.98 9.89 -26.10
CA VAL A 325 6.51 8.95 -25.12
C VAL A 325 6.20 7.51 -25.49
N LEU A 326 4.99 7.25 -25.96
CA LEU A 326 4.56 5.91 -26.36
C LEU A 326 4.31 5.88 -27.86
N SER A 327 4.78 4.80 -28.49
CA SER A 327 4.47 4.54 -29.87
C SER A 327 2.98 4.20 -30.02
N ASP A 328 2.53 4.17 -31.28
CA ASP A 328 1.16 3.73 -31.55
C ASP A 328 0.94 2.31 -31.02
N ASP A 329 1.91 1.42 -31.25
CA ASP A 329 1.78 0.05 -30.77
C ASP A 329 1.71 0.01 -29.25
N GLN A 330 2.56 0.78 -28.58
CA GLN A 330 2.54 0.84 -27.12
C GLN A 330 1.24 1.46 -26.61
N ILE A 331 0.68 2.43 -27.32
CA ILE A 331 -0.64 2.95 -26.97
C ILE A 331 -1.71 1.90 -27.21
N LYS A 332 -1.60 1.14 -28.30
CA LYS A 332 -2.57 0.09 -28.57
C LYS A 332 -2.50 -1.00 -27.51
N GLU A 333 -1.29 -1.30 -27.02
CA GLU A 333 -1.13 -2.27 -25.95
C GLU A 333 -1.75 -1.76 -24.64
N CYS A 334 -1.65 -0.45 -24.39
CA CYS A 334 -2.39 0.13 -23.27
C CYS A 334 -3.89 -0.07 -23.44
N GLU A 335 -4.38 0.10 -24.67
CA GLU A 335 -5.81 -0.06 -24.91
C GLU A 335 -6.25 -1.52 -24.72
N GLU A 336 -5.43 -2.46 -25.15
CA GLU A 336 -5.77 -3.87 -24.97
C GLU A 336 -5.95 -4.21 -23.49
N LEU A 337 -5.14 -3.61 -22.64
CA LEU A 337 -5.10 -3.96 -21.22
C LEU A 337 -5.87 -2.99 -20.32
N GLY A 338 -6.45 -1.92 -20.90
CA GLY A 338 -7.21 -0.96 -20.12
C GLY A 338 -6.36 -0.03 -19.26
N ILE A 339 -5.09 0.13 -19.61
CA ILE A 339 -4.15 0.92 -18.83
C ILE A 339 -4.42 2.41 -19.05
N LEU A 340 -4.37 3.19 -17.97
CA LEU A 340 -4.49 4.64 -18.00
C LEU A 340 -3.11 5.27 -18.08
N VAL A 341 -3.03 6.46 -18.66
CA VAL A 341 -1.77 7.20 -18.80
C VAL A 341 -1.97 8.63 -18.31
N ASP A 342 -1.01 9.14 -17.54
CA ASP A 342 -1.00 10.55 -17.18
C ASP A 342 0.42 11.09 -17.23
N ARG A 343 0.53 12.41 -17.16
CA ARG A 343 1.82 13.04 -17.41
C ARG A 343 2.04 14.21 -16.46
N ASP A 344 3.28 14.34 -15.99
CA ASP A 344 3.78 15.45 -15.18
C ASP A 344 4.35 16.52 -16.09
N ASP A 345 5.10 17.45 -15.49
CA ASP A 345 6.07 18.26 -16.23
C ASP A 345 7.41 17.56 -16.35
N GLN A 346 7.58 16.42 -15.70
CA GLN A 346 8.84 15.70 -15.66
C GLN A 346 8.77 14.29 -16.20
N GLY A 347 7.65 13.60 -16.09
CA GLY A 347 7.58 12.22 -16.53
C GLY A 347 6.16 11.77 -16.81
N THR A 348 6.03 10.48 -17.10
CA THR A 348 4.77 9.90 -17.53
C THR A 348 4.46 8.70 -16.64
N LEU A 349 3.18 8.50 -16.34
CA LEU A 349 2.71 7.43 -15.47
C LEU A 349 1.77 6.51 -16.26
N LEU A 350 2.00 5.21 -16.16
CA LEU A 350 1.03 4.21 -16.61
C LEU A 350 0.40 3.63 -15.35
N GLN A 351 -0.93 3.52 -15.31
CA GLN A 351 -1.59 3.07 -14.09
C GLN A 351 -2.89 2.34 -14.42
N ILE A 352 -3.32 1.48 -13.50
CA ILE A 352 -4.59 0.80 -13.61
C ILE A 352 -5.01 0.40 -12.21
N PHE A 353 -6.31 0.24 -11.99
CA PHE A 353 -6.85 0.04 -10.65
C PHE A 353 -7.67 -1.23 -10.58
N THR A 354 -7.47 -1.99 -9.51
CA THR A 354 -8.33 -3.14 -9.27
C THR A 354 -9.68 -2.70 -8.69
N LYS A 355 -10.66 -3.60 -8.80
CA LYS A 355 -11.84 -3.51 -7.96
C LYS A 355 -11.43 -3.80 -6.51
N PRO A 356 -12.29 -3.48 -5.55
CA PRO A 356 -11.94 -3.70 -4.14
C PRO A 356 -11.43 -5.10 -3.89
N LEU A 357 -10.46 -5.22 -2.97
CA LEU A 357 -9.78 -6.48 -2.74
C LEU A 357 -10.63 -7.48 -1.98
N GLY A 358 -11.66 -7.00 -1.28
CA GLY A 358 -12.47 -7.87 -0.43
C GLY A 358 -13.93 -7.54 -0.52
N ASP A 359 -14.69 -7.93 0.51
CA ASP A 359 -16.15 -7.76 0.48
C ASP A 359 -16.56 -6.29 0.40
N ARG A 360 -15.84 -5.41 1.09
CA ARG A 360 -16.31 -4.05 1.25
C ARG A 360 -15.71 -3.14 0.17
N PRO A 361 -16.48 -2.08 -0.27
CA PRO A 361 -15.95 -1.15 -1.29
C PRO A 361 -15.00 -0.15 -0.63
N THR A 362 -13.85 -0.68 -0.20
CA THR A 362 -12.90 0.10 0.57
C THR A 362 -11.53 0.05 -0.10
N ILE A 363 -10.68 -0.89 0.29
CA ILE A 363 -9.30 -0.91 -0.20
C ILE A 363 -9.25 -1.55 -1.59
N PHE A 364 -8.38 -1.02 -2.45
CA PHE A 364 -8.09 -1.59 -3.77
C PHE A 364 -6.61 -1.43 -4.04
N ILE A 365 -6.17 -1.94 -5.19
CA ILE A 365 -4.75 -1.91 -5.56
C ILE A 365 -4.63 -1.14 -6.87
N GLU A 366 -3.52 -0.42 -6.99
CA GLU A 366 -3.11 0.23 -8.23
C GLU A 366 -1.83 -0.43 -8.70
N ILE A 367 -1.74 -0.72 -10.00
CA ILE A 367 -0.48 -1.14 -10.63
C ILE A 367 0.02 0.05 -11.44
N ILE A 368 1.30 0.37 -11.30
CA ILE A 368 1.87 1.54 -11.97
C ILE A 368 3.25 1.22 -12.55
N GLN A 369 3.61 1.98 -13.57
CA GLN A 369 4.99 2.04 -14.03
C GLN A 369 5.24 3.46 -14.49
N ARG A 370 6.42 3.98 -14.17
CA ARG A 370 6.77 5.37 -14.40
C ARG A 370 7.88 5.47 -15.43
N VAL A 371 7.82 6.47 -16.29
CA VAL A 371 8.83 6.64 -17.32
C VAL A 371 9.32 8.08 -17.32
N GLY A 372 10.64 8.24 -17.25
CA GLY A 372 11.30 9.54 -17.20
C GLY A 372 12.02 9.76 -15.91
N CYS A 373 12.36 11.02 -15.66
CA CYS A 373 13.01 11.47 -14.43
C CYS A 373 14.22 10.60 -14.07
N MET A 374 15.09 10.38 -15.06
CA MET A 374 16.29 9.59 -14.85
C MET A 374 17.44 10.49 -14.42
N MET A 375 18.17 10.07 -13.39
CA MET A 375 19.34 10.79 -12.91
C MET A 375 20.56 9.88 -12.97
N TYR A 383 19.34 6.01 -11.81
CA TYR A 383 18.14 5.78 -11.02
C TYR A 383 17.01 6.73 -11.43
N GLN A 384 15.79 6.40 -11.03
CA GLN A 384 14.61 7.21 -11.31
C GLN A 384 14.14 7.88 -10.03
N SER A 385 13.81 9.17 -10.13
CA SER A 385 13.39 9.90 -8.94
C SER A 385 11.95 9.54 -8.57
N GLY A 386 11.65 9.66 -7.28
CA GLY A 386 10.36 9.22 -6.79
C GLY A 386 9.21 10.07 -7.30
N GLY A 387 8.06 9.41 -7.51
CA GLY A 387 6.88 10.13 -7.93
C GLY A 387 6.90 10.65 -9.35
N CYS A 388 7.84 10.18 -10.18
CA CYS A 388 7.94 10.60 -11.57
C CYS A 388 6.64 10.44 -12.33
N GLY A 389 6.05 11.54 -12.79
CA GLY A 389 4.80 11.52 -13.51
C GLY A 389 3.60 11.82 -12.66
N GLY A 390 3.75 11.81 -11.34
CA GLY A 390 2.66 12.17 -10.45
C GLY A 390 1.84 10.99 -9.97
N PHE A 391 0.53 11.20 -9.81
CA PHE A 391 -0.34 10.18 -9.24
C PHE A 391 -1.60 9.96 -10.09
N GLY A 392 -1.69 10.57 -11.26
CA GLY A 392 -2.78 10.31 -12.16
C GLY A 392 -4.01 11.15 -11.91
N LYS A 393 -3.89 12.24 -11.15
CA LYS A 393 -5.04 13.09 -10.91
C LYS A 393 -5.60 13.65 -12.21
N GLY A 394 -4.75 13.82 -13.23
CA GLY A 394 -5.21 14.24 -14.54
C GLY A 394 -6.19 13.27 -15.17
N ASN A 395 -6.20 12.01 -14.72
CA ASN A 395 -7.10 11.04 -15.33
C ASN A 395 -8.53 11.14 -14.83
N PHE A 396 -8.80 11.89 -13.76
CA PHE A 396 -10.20 12.16 -13.40
C PHE A 396 -10.89 12.93 -14.53
N SER A 397 -10.28 14.05 -14.95
CA SER A 397 -10.85 14.85 -16.02
C SER A 397 -10.83 14.10 -17.36
N GLU A 398 -9.69 13.50 -17.69
CA GLU A 398 -9.53 12.91 -19.02
C GLU A 398 -10.42 11.69 -19.22
N LEU A 399 -10.66 10.93 -18.15
CA LEU A 399 -11.55 9.79 -18.27
C LEU A 399 -13.00 10.23 -18.43
N PHE A 400 -13.41 11.25 -17.67
CA PHE A 400 -14.75 11.81 -17.83
C PHE A 400 -14.93 12.39 -19.23
N LYS A 401 -13.94 13.14 -19.71
CA LYS A 401 -14.01 13.70 -21.05
C LYS A 401 -14.15 12.59 -22.09
N SER A 402 -13.37 11.51 -21.95
CA SER A 402 -13.45 10.42 -22.91
C SER A 402 -14.83 9.77 -22.89
N ILE A 403 -15.43 9.67 -21.70
CA ILE A 403 -16.73 9.03 -21.56
C ILE A 403 -17.81 9.85 -22.27
N GLU A 404 -17.81 11.17 -22.08
CA GLU A 404 -18.76 12.02 -22.80
C GLU A 404 -18.46 12.04 -24.29
N GLU A 405 -17.18 12.00 -24.66
CA GLU A 405 -16.82 11.97 -26.09
C GLU A 405 -17.32 10.68 -26.74
N TYR A 406 -17.15 9.55 -26.06
CA TYR A 406 -17.63 8.28 -26.62
C TYR A 406 -19.15 8.19 -26.59
N GLU A 407 -19.81 8.97 -25.74
CA GLU A 407 -21.26 9.06 -25.82
C GLU A 407 -21.71 9.51 -27.20
N LYS A 408 -21.03 10.53 -27.75
CA LYS A 408 -21.17 10.99 -29.14
C LYS A 408 -22.54 10.78 -29.78
CO CO B . -2.31 6.13 -6.58
C13 A1LVP C . -4.78 7.68 -7.29
C17 A1LVP C . -5.28 11.08 -5.31
C20 A1LVP C . -3.25 8.86 -5.56
C24 A1LVP C . -11.61 5.20 -8.58
C26 A1LVP C . -8.81 8.34 -12.73
C28 A1LVP C . -10.48 2.98 -8.34
C01 A1LVP C . -5.92 7.68 -8.28
C02 A1LVP C . -5.68 8.40 -9.60
C03 A1LVP C . -6.83 8.34 -10.61
C04 A1LVP C . -8.13 7.59 -10.28
C05 A1LVP C . -8.40 6.85 -8.98
C06 A1LVP C . -7.19 6.93 -7.95
C08 A1LVP C . -10.77 6.93 -11.59
C09 A1LVP C . -11.26 6.20 -10.38
C11 A1LVP C . -9.53 6.22 -8.72
C12 A1LVP C . -7.14 6.29 -6.56
C14 A1LVP C . -4.55 8.78 -6.29
C16 A1LVP C . -5.65 9.78 -6.00
C18 A1LVP C . -3.78 11.33 -5.24
C19 A1LVP C . -2.94 10.13 -4.78
C27 A1LVP C . -11.51 3.68 -8.77
N07 A1LVP C . -9.24 7.64 -11.54
N10 A1LVP C . -10.68 5.96 -9.39
O15 A1LVP C . -4.03 6.74 -7.37
O21 A1LVP C . -6.98 9.50 -6.29
O22 A1LVP C . -2.43 7.99 -5.60
O23 A1LVP C . -9.56 5.73 -7.66
O25 A1LVP C . -11.44 7.03 -12.56
#